data_4X9Y
#
_entry.id   4X9Y
#
_cell.length_a   52.200
_cell.length_b   67.750
_cell.length_c   130.230
_cell.angle_alpha   90.00
_cell.angle_beta   90.00
_cell.angle_gamma   90.00
#
_symmetry.space_group_name_H-M   'P 21 21 21'
#
loop_
_entity.id
_entity.type
_entity.pdbx_description
1 polymer 'Pancreatic alpha-amylase'
2 non-polymer 'CHLORIDE ION'
3 non-polymer 'CALCIUM ION'
4 water water
#
_entity_poly.entity_id   1
_entity_poly.type   'polypeptide(L)'
_entity_poly.pdbx_seq_one_letter_code
;(PCA)YSPNTQQGRTSIVHLFEWRWVDIALECERYLAPKGFGGVQVSPPNENVAIYNPFRPWWERYQPVSYKLCTRSGNE
DEFRNMVTRCNNVGVRIYVDAVINHMCGNAVSAGTSSTCGSYFNPGSRDFPAVPYSGWDFNDGKCKTGSGDIENYNDATQ
VRDCRLTGLLDLALEKDYVRSKIAEYMNHLIDIGVAGFRLDASKHMWPGDIKAILDKLHNLNSNWFPAGSKPFIYQEVID
LGGEPIKSSDYFGNGRVTEFKYGAKLGTVIRKWNGEKMSYLKNWGEGWGFVPSDRALVFVDNHDNQRGHGAGGASILTFW
DARLYKMAVGFMLAHPYGFTRVMSSYRWPRQFQNGNDVNDWVGPPNNNGVIKEVTINPDTTCGNDWVCEHRWRQIRNMVI
FRNVVDGQPFTNWYDNGSNQVAFGRGNRGFIVFNNDDWSFSLTLQTGLPAGTYCDVISGDKINGNCTGIKIYVSDDGKAH
FSISNSAEDPFIAIHAESKL
;
_entity_poly.pdbx_strand_id   A
#
loop_
_chem_comp.id
_chem_comp.type
_chem_comp.name
_chem_comp.formula
CA non-polymer 'CALCIUM ION' 'Ca 2'
CL non-polymer 'CHLORIDE ION' 'Cl -1'
#
# COMPACT_ATOMS: atom_id res chain seq x y z
N PCA A 1 17.39 -3.32 4.40
CA PCA A 1 16.43 -2.56 3.58
CB PCA A 1 17.12 -2.03 2.33
CG PCA A 1 18.37 -2.84 2.16
CD PCA A 1 18.51 -3.47 3.51
OE PCA A 1 19.55 -4.07 3.80
C PCA A 1 15.25 -3.43 3.20
O PCA A 1 14.24 -2.90 2.78
H PCA A 1 17.38 -2.99 5.24
HA PCA A 1 16.10 -1.79 4.10
HB2 PCA A 1 16.53 -2.11 1.55
HB3 PCA A 1 17.34 -1.08 2.45
HG2 PCA A 1 18.28 -3.51 1.45
HG3 PCA A 1 19.15 -2.27 1.98
N TYR A 2 15.38 -4.75 3.31
CA TYR A 2 14.36 -5.66 2.81
C TYR A 2 13.37 -6.12 3.88
N SER A 3 13.78 -6.04 5.14
CA SER A 3 12.96 -6.46 6.26
C SER A 3 12.08 -5.30 6.72
N PRO A 4 10.80 -5.55 7.02
CA PRO A 4 9.92 -4.42 7.37
C PRO A 4 10.15 -3.78 8.74
N ASN A 5 10.82 -4.47 9.66
CA ASN A 5 11.04 -3.95 11.02
C ASN A 5 9.75 -3.89 11.82
N THR A 6 8.76 -4.67 11.42
CA THR A 6 7.58 -4.83 12.25
C THR A 6 7.93 -5.78 13.39
N GLN A 7 7.10 -5.78 14.40
CA GLN A 7 7.21 -6.80 15.43
C GLN A 7 7.03 -8.19 14.82
N GLN A 8 7.75 -9.15 15.37
CA GLN A 8 7.59 -10.52 14.96
C GLN A 8 6.12 -10.89 15.06
N GLY A 9 5.59 -11.52 14.01
CA GLY A 9 4.22 -11.96 14.03
C GLY A 9 3.24 -10.90 13.58
N ARG A 10 3.76 -9.73 13.16
CA ARG A 10 2.92 -8.75 12.47
C ARG A 10 3.41 -8.60 11.03
N THR A 11 2.51 -8.87 10.08
CA THR A 11 2.91 -9.15 8.70
C THR A 11 2.34 -8.24 7.62
N SER A 12 1.61 -7.19 7.99
CA SER A 12 1.09 -6.25 6.99
C SER A 12 1.28 -4.80 7.42
N ILE A 13 1.25 -3.93 6.42
CA ILE A 13 1.11 -2.50 6.67
C ILE A 13 -0.20 -2.03 6.04
N VAL A 14 -0.74 -0.94 6.58
CA VAL A 14 -1.94 -0.31 6.04
C VAL A 14 -1.61 1.11 5.61
N HIS A 15 -2.08 1.49 4.41
CA HIS A 15 -1.95 2.86 3.94
C HIS A 15 -3.12 3.68 4.45
N LEU A 16 -2.89 4.52 5.46
CA LEU A 16 -3.93 5.40 5.99
C LEU A 16 -3.87 6.70 5.18
N PHE A 17 -4.38 6.60 3.96
CA PHE A 17 -4.22 7.62 2.92
C PHE A 17 -4.91 8.93 3.33
N GLU A 18 -4.11 9.98 3.41
CA GLU A 18 -4.56 11.34 3.75
C GLU A 18 -5.07 11.50 5.18
N TRP A 19 -4.86 10.50 6.04
CA TRP A 19 -5.22 10.66 7.44
C TRP A 19 -4.33 11.70 8.12
N ARG A 20 -4.91 12.42 9.07
CA ARG A 20 -4.16 13.30 9.94
C ARG A 20 -3.38 12.53 10.98
N TRP A 21 -2.26 13.11 11.42
CA TRP A 21 -1.38 12.43 12.36
C TRP A 21 -2.07 12.08 13.67
N VAL A 22 -2.89 12.98 14.20
CA VAL A 22 -3.56 12.68 15.46
C VAL A 22 -4.50 11.50 15.34
N ASP A 23 -5.15 11.34 14.20
CA ASP A 23 -6.04 10.22 13.98
C ASP A 23 -5.27 8.92 13.83
N ILE A 24 -4.14 8.96 13.14
CA ILE A 24 -3.29 7.77 13.06
C ILE A 24 -2.79 7.36 14.45
N ALA A 25 -2.36 8.32 15.26
CA ALA A 25 -1.91 8.02 16.61
C ALA A 25 -3.00 7.27 17.39
N LEU A 26 -4.22 7.81 17.35
CA LEU A 26 -5.35 7.17 18.02
C LEU A 26 -5.61 5.78 17.44
N GLU A 27 -5.55 5.67 16.12
CA GLU A 27 -5.81 4.41 15.46
C GLU A 27 -4.77 3.36 15.86
N CYS A 28 -3.50 3.74 15.96
CA CYS A 28 -2.49 2.82 16.46
C CYS A 28 -2.89 2.21 17.80
N GLU A 29 -3.32 3.06 18.72
CA GLU A 29 -3.64 2.66 20.08
C GLU A 29 -4.92 1.84 20.17
N ARG A 30 -5.98 2.29 19.49
CA ARG A 30 -7.30 1.73 19.69
C ARG A 30 -7.62 0.54 18.79
N TYR A 31 -6.85 0.37 17.70
CA TYR A 31 -7.20 -0.63 16.70
C TYR A 31 -5.98 -1.38 16.15
N LEU A 32 -5.00 -0.66 15.61
CA LEU A 32 -3.94 -1.34 14.89
C LEU A 32 -3.12 -2.25 15.82
N ALA A 33 -2.82 -1.77 17.02
CA ALA A 33 -2.09 -2.58 17.97
C ALA A 33 -2.90 -3.84 18.37
N PRO A 34 -4.13 -3.69 18.91
CA PRO A 34 -4.82 -4.92 19.31
C PRO A 34 -5.17 -5.87 18.16
N LYS A 35 -5.32 -5.36 16.95
CA LYS A 35 -5.72 -6.20 15.82
C LYS A 35 -4.55 -6.68 14.99
N GLY A 36 -3.31 -6.47 15.46
CA GLY A 36 -2.15 -7.14 14.91
C GLY A 36 -1.56 -6.56 13.63
N PHE A 37 -1.87 -5.30 13.33
CA PHE A 37 -1.30 -4.65 12.16
C PHE A 37 0.18 -4.29 12.42
N GLY A 38 1.01 -4.48 11.40
CA GLY A 38 2.41 -4.22 11.52
C GLY A 38 2.81 -2.74 11.51
N GLY A 39 2.09 -1.94 10.72
CA GLY A 39 2.49 -0.56 10.58
C GLY A 39 1.61 0.18 9.62
N VAL A 40 1.96 1.44 9.43
CA VAL A 40 1.17 2.39 8.67
C VAL A 40 2.04 3.11 7.66
N GLN A 41 1.62 3.13 6.40
CA GLN A 41 2.19 4.05 5.41
C GLN A 41 1.42 5.36 5.53
N VAL A 42 2.15 6.44 5.81
CA VAL A 42 1.57 7.76 5.91
C VAL A 42 1.71 8.51 4.60
N SER A 43 0.82 9.46 4.36
CA SER A 43 0.96 10.38 3.24
C SER A 43 2.21 11.24 3.42
N PRO A 44 2.72 11.83 2.34
CA PRO A 44 3.98 12.59 2.45
C PRO A 44 3.90 13.62 3.59
N PRO A 45 4.87 13.61 4.51
CA PRO A 45 4.75 14.48 5.69
C PRO A 45 5.44 15.82 5.51
N ASN A 46 6.05 16.04 4.35
CA ASN A 46 6.73 17.28 4.04
C ASN A 46 5.83 18.29 3.33
N GLU A 47 6.14 19.57 3.52
CA GLU A 47 5.38 20.68 2.98
C GLU A 47 5.23 20.57 1.46
N ASN A 48 4.00 20.82 1.00
CA ASN A 48 3.66 20.71 -0.40
C ASN A 48 2.93 21.97 -0.88
N VAL A 49 2.75 22.06 -2.20
CA VAL A 49 1.98 23.16 -2.76
C VAL A 49 0.51 23.04 -2.37
N ALA A 50 -0.08 24.16 -1.96
CA ALA A 50 -1.52 24.23 -1.75
C ALA A 50 -2.11 24.63 -3.10
N ILE A 51 -2.86 23.71 -3.70
CA ILE A 51 -3.44 23.88 -5.03
C ILE A 51 -4.93 24.12 -4.86
N TYR A 52 -5.40 25.25 -5.39
CA TYR A 52 -6.79 25.64 -5.25
C TYR A 52 -7.62 25.46 -6.52
N ASN A 53 -6.97 25.28 -7.66
CA ASN A 53 -7.66 24.88 -8.88
C ASN A 53 -7.03 23.59 -9.41
N PRO A 54 -7.70 22.44 -9.22
CA PRO A 54 -8.95 22.23 -8.49
C PRO A 54 -8.72 22.33 -6.98
N PHE A 55 -9.78 22.18 -6.19
CA PHE A 55 -9.67 22.49 -4.77
C PHE A 55 -9.02 21.37 -3.95
N ARG A 56 -7.76 21.62 -3.57
CA ARG A 56 -7.00 20.76 -2.64
C ARG A 56 -7.03 19.27 -3.04
N PRO A 57 -6.57 18.98 -4.26
CA PRO A 57 -6.59 17.61 -4.73
C PRO A 57 -5.63 16.73 -3.91
N TRP A 58 -5.88 15.44 -3.88
CA TRP A 58 -4.95 14.54 -3.19
C TRP A 58 -3.54 14.69 -3.76
N TRP A 59 -3.44 14.91 -5.05
CA TRP A 59 -2.14 14.88 -5.71
C TRP A 59 -1.27 16.12 -5.44
N GLU A 60 -1.81 17.15 -4.76
CA GLU A 60 -0.94 18.26 -4.37
C GLU A 60 0.18 17.79 -3.44
N ARG A 61 -0.02 16.68 -2.72
CA ARG A 61 0.99 16.20 -1.76
C ARG A 61 2.18 15.54 -2.43
N TYR A 62 2.11 15.38 -3.75
CA TYR A 62 3.25 14.86 -4.52
C TYR A 62 4.01 15.98 -5.21
N GLN A 63 3.79 17.21 -4.74
CA GLN A 63 4.47 18.41 -5.24
C GLN A 63 5.14 19.16 -4.09
N PRO A 64 6.35 18.73 -3.71
CA PRO A 64 7.02 19.34 -2.57
C PRO A 64 7.40 20.81 -2.76
N VAL A 65 7.37 21.52 -1.64
CA VAL A 65 7.87 22.89 -1.52
C VAL A 65 9.07 22.95 -0.57
N SER A 66 9.09 22.08 0.44
CA SER A 66 10.23 22.01 1.34
C SER A 66 10.20 20.68 2.06
N TYR A 67 11.12 20.50 2.98
CA TYR A 67 11.15 19.31 3.83
C TYR A 67 10.69 19.58 5.26
N LYS A 68 10.08 20.73 5.50
CA LYS A 68 9.41 20.99 6.77
C LYS A 68 8.27 20.00 6.95
N LEU A 69 8.09 19.50 8.16
CA LEU A 69 7.06 18.49 8.44
C LEU A 69 5.74 19.20 8.78
N CYS A 70 5.11 19.77 7.77
CA CYS A 70 4.05 20.73 7.95
C CYS A 70 3.09 20.61 6.76
N THR A 71 1.99 19.90 6.99
CA THR A 71 1.06 19.50 5.94
C THR A 71 -0.37 19.57 6.48
N ARG A 72 -1.33 19.25 5.63
CA ARG A 72 -2.71 19.15 6.09
C ARG A 72 -2.92 18.01 7.08
N SER A 73 -1.98 17.08 7.16
CA SER A 73 -2.07 16.02 8.17
C SER A 73 -1.61 16.47 9.56
N GLY A 74 -0.82 17.55 9.60
CA GLY A 74 -0.36 18.10 10.87
C GLY A 74 1.04 18.66 10.79
N ASN A 75 1.51 19.16 11.94
CA ASN A 75 2.82 19.79 12.04
C ASN A 75 3.85 18.83 12.63
N GLU A 76 5.08 19.31 12.88
CA GLU A 76 6.15 18.40 13.29
C GLU A 76 5.86 17.79 14.66
N ASP A 77 5.35 18.60 15.58
CA ASP A 77 5.03 18.09 16.90
C ASP A 77 3.98 16.98 16.82
N GLU A 78 2.98 17.17 15.99
CA GLU A 78 1.94 16.16 15.81
C GLU A 78 2.49 14.89 15.14
N PHE A 79 3.39 15.09 14.18
CA PHE A 79 4.01 13.95 13.51
C PHE A 79 4.82 13.13 14.51
N ARG A 80 5.65 13.80 15.29
CA ARG A 80 6.47 13.12 16.29
C ARG A 80 5.61 12.42 17.33
N ASN A 81 4.55 13.09 17.79
CA ASN A 81 3.62 12.49 18.73
C ASN A 81 3.04 11.19 18.18
N MET A 82 2.66 11.19 16.90
CA MET A 82 2.13 9.99 16.26
C MET A 82 3.19 8.88 16.22
N VAL A 83 4.40 9.19 15.76
CA VAL A 83 5.42 8.17 15.65
C VAL A 83 5.75 7.57 17.03
N THR A 84 5.87 8.41 18.04
CA THR A 84 6.12 7.94 19.39
C THR A 84 5.00 7.02 19.88
N ARG A 85 3.76 7.48 19.74
CA ARG A 85 2.63 6.73 20.26
C ARG A 85 2.45 5.40 19.53
N CYS A 86 2.66 5.40 18.22
CA CYS A 86 2.55 4.17 17.44
C CYS A 86 3.69 3.21 17.82
N ASN A 87 4.92 3.70 17.85
CA ASN A 87 6.03 2.82 18.25
C ASN A 87 5.84 2.27 19.65
N ASN A 88 5.27 3.07 20.55
CA ASN A 88 5.08 2.62 21.93
C ASN A 88 4.07 1.49 22.04
N VAL A 89 3.22 1.29 21.05
CA VAL A 89 2.32 0.14 21.00
C VAL A 89 2.73 -0.85 19.92
N GLY A 90 3.95 -0.71 19.40
CA GLY A 90 4.51 -1.70 18.50
C GLY A 90 3.95 -1.69 17.09
N VAL A 91 3.49 -0.52 16.64
CA VAL A 91 2.98 -0.32 15.28
C VAL A 91 3.89 0.70 14.61
N ARG A 92 4.47 0.32 13.48
CA ARG A 92 5.49 1.14 12.84
C ARG A 92 4.92 2.17 11.88
N ILE A 93 5.74 3.17 11.57
CA ILE A 93 5.39 4.23 10.62
C ILE A 93 6.38 4.18 9.45
N TYR A 94 5.83 4.18 8.24
CA TYR A 94 6.60 4.22 7.00
C TYR A 94 6.21 5.47 6.23
N VAL A 95 7.21 6.28 5.88
CA VAL A 95 6.98 7.55 5.21
C VAL A 95 7.03 7.44 3.70
N ASP A 96 6.05 8.07 3.05
CA ASP A 96 6.03 8.27 1.61
C ASP A 96 6.97 9.44 1.28
N ALA A 97 8.16 9.07 0.81
CA ALA A 97 9.27 9.99 0.56
C ALA A 97 9.24 10.46 -0.90
N VAL A 98 8.91 11.74 -1.08
CA VAL A 98 8.77 12.34 -2.40
C VAL A 98 10.07 13.08 -2.65
N ILE A 99 11.00 12.39 -3.30
CA ILE A 99 12.39 12.82 -3.39
C ILE A 99 12.92 12.90 -4.83
N ASN A 100 12.11 12.52 -5.84
CA ASN A 100 12.53 12.65 -7.22
C ASN A 100 12.44 14.09 -7.72
N HIS A 101 11.52 14.85 -7.14
CA HIS A 101 11.11 16.11 -7.74
C HIS A 101 10.62 17.09 -6.67
N MET A 102 10.55 18.35 -7.07
CA MET A 102 9.78 19.35 -6.35
C MET A 102 8.46 19.51 -7.10
N CYS A 103 7.86 20.70 -7.10
CA CYS A 103 6.53 20.86 -7.68
C CYS A 103 6.55 21.09 -9.18
N GLY A 104 5.35 21.22 -9.75
CA GLY A 104 5.23 21.49 -11.17
C GLY A 104 5.93 22.77 -11.59
N ASN A 105 6.57 22.73 -12.75
CA ASN A 105 7.37 23.86 -13.21
C ASN A 105 6.54 25.09 -13.52
N ALA A 106 5.23 24.90 -13.75
CA ALA A 106 4.34 26.00 -14.10
C ALA A 106 3.49 26.50 -12.93
N VAL A 107 3.70 25.94 -11.74
CA VAL A 107 3.00 26.43 -10.56
C VAL A 107 3.45 27.86 -10.28
N SER A 108 2.51 28.72 -9.94
CA SER A 108 2.83 30.13 -9.68
C SER A 108 3.66 30.30 -8.41
N ALA A 109 4.62 31.22 -8.47
CA ALA A 109 5.48 31.55 -7.33
C ALA A 109 4.66 32.23 -6.26
N GLY A 110 5.10 32.08 -5.01
CA GLY A 110 4.43 32.70 -3.88
C GLY A 110 4.53 31.82 -2.66
N THR A 111 3.53 31.94 -1.79
CA THR A 111 3.49 31.22 -0.53
C THR A 111 2.25 30.33 -0.43
N SER A 112 1.78 29.84 -1.58
CA SER A 112 0.65 28.92 -1.60
C SER A 112 1.15 27.51 -1.34
N SER A 113 1.48 27.29 -0.08
CA SER A 113 2.15 26.08 0.40
C SER A 113 1.63 25.76 1.79
N THR A 114 1.76 24.53 2.21
CA THR A 114 1.08 24.08 3.43
C THR A 114 1.70 24.62 4.72
N CYS A 115 2.90 25.15 4.66
CA CYS A 115 3.50 25.84 5.80
C CYS A 115 3.80 27.31 5.49
N GLY A 116 3.33 27.79 4.34
CA GLY A 116 3.54 29.18 3.95
C GLY A 116 4.95 29.51 3.50
N SER A 117 5.79 28.52 3.22
CA SER A 117 7.11 28.82 2.70
C SER A 117 7.00 29.42 1.30
N TYR A 118 7.89 30.35 1.01
CA TYR A 118 8.00 30.89 -0.33
C TYR A 118 8.68 29.89 -1.28
N PHE A 119 8.23 29.87 -2.53
CA PHE A 119 8.90 29.09 -3.55
C PHE A 119 8.59 29.74 -4.91
N ASN A 120 9.47 29.52 -5.87
CA ASN A 120 9.34 30.10 -7.19
C ASN A 120 9.75 29.06 -8.21
N PRO A 121 8.77 28.27 -8.70
CA PRO A 121 9.13 27.19 -9.61
C PRO A 121 9.83 27.70 -10.88
N GLY A 122 9.37 28.83 -11.41
CA GLY A 122 9.93 29.35 -12.65
C GLY A 122 11.40 29.68 -12.54
N SER A 123 11.83 30.14 -11.37
CA SER A 123 13.24 30.46 -11.15
C SER A 123 14.01 29.34 -10.45
N ARG A 124 13.33 28.22 -10.21
CA ARG A 124 13.93 27.04 -9.57
C ARG A 124 14.37 27.33 -8.14
N ASP A 125 13.66 28.22 -7.48
CA ASP A 125 14.04 28.71 -6.16
C ASP A 125 13.12 28.14 -5.07
N PHE A 126 13.68 27.29 -4.21
CA PHE A 126 12.99 26.70 -3.06
C PHE A 126 13.82 27.03 -1.83
N PRO A 127 13.73 28.27 -1.36
CA PRO A 127 14.68 28.71 -0.32
C PRO A 127 14.49 28.02 1.02
N ALA A 128 13.36 27.37 1.26
CA ALA A 128 13.17 26.70 2.53
C ALA A 128 13.94 25.39 2.62
N VAL A 129 14.51 24.92 1.51
CA VAL A 129 15.34 23.71 1.54
C VAL A 129 16.78 23.97 2.00
N PRO A 130 17.58 24.79 1.28
CA PRO A 130 17.31 25.45 0.01
C PRO A 130 17.76 24.66 -1.22
N TYR A 131 17.01 24.84 -2.30
CA TYR A 131 17.42 24.43 -3.64
C TYR A 131 17.38 25.65 -4.55
N SER A 132 18.24 25.63 -5.56
CA SER A 132 18.27 26.66 -6.61
C SER A 132 18.32 25.96 -7.96
N GLY A 133 18.44 26.73 -9.03
CA GLY A 133 18.49 26.15 -10.35
C GLY A 133 19.62 25.16 -10.55
N TRP A 134 20.70 25.29 -9.78
CA TRP A 134 21.81 24.36 -9.86
C TRP A 134 21.45 22.94 -9.43
N ASP A 135 20.30 22.78 -8.78
CA ASP A 135 19.90 21.52 -8.16
C ASP A 135 18.88 20.73 -8.97
N PHE A 136 18.58 21.17 -10.19
CA PHE A 136 17.61 20.52 -11.06
C PHE A 136 18.26 20.04 -12.34
N ASN A 137 17.54 19.17 -13.04
CA ASN A 137 18.07 18.49 -14.22
C ASN A 137 17.79 19.19 -15.55
N ASP A 138 17.47 20.47 -15.51
CA ASP A 138 17.19 21.25 -16.72
C ASP A 138 18.23 21.05 -17.82
N GLY A 139 19.50 21.11 -17.43
CA GLY A 139 20.58 21.03 -18.38
C GLY A 139 20.85 19.62 -18.87
N LYS A 140 20.52 18.64 -18.06
CA LYS A 140 20.83 17.24 -18.32
C LYS A 140 19.80 16.58 -19.24
N CYS A 141 18.53 16.94 -19.06
CA CYS A 141 17.45 16.40 -19.87
C CYS A 141 17.64 16.77 -21.33
N LYS A 142 17.47 15.80 -22.22
CA LYS A 142 17.69 16.01 -23.64
C LYS A 142 16.42 16.12 -24.47
N THR A 143 15.24 16.08 -23.86
CA THR A 143 14.02 16.15 -24.66
C THR A 143 13.69 17.58 -25.07
N GLY A 144 12.96 17.70 -26.16
CA GLY A 144 12.60 19.01 -26.66
C GLY A 144 11.67 19.79 -25.75
N SER A 145 10.85 19.08 -24.96
CA SER A 145 9.92 19.72 -24.05
C SER A 145 10.48 19.94 -22.65
N GLY A 146 11.51 19.17 -22.30
CA GLY A 146 12.01 19.13 -20.93
C GLY A 146 11.27 18.14 -20.04
N ASP A 147 10.19 17.56 -20.57
CA ASP A 147 9.41 16.57 -19.86
C ASP A 147 9.72 15.18 -20.40
N ILE A 148 9.28 14.16 -19.68
CA ILE A 148 9.38 12.80 -20.17
C ILE A 148 8.37 12.65 -21.32
N GLU A 149 8.87 12.18 -22.47
CA GLU A 149 8.09 12.04 -23.69
C GLU A 149 7.95 10.58 -24.13
N ASN A 150 8.94 9.77 -23.83
CA ASN A 150 9.04 8.43 -24.40
C ASN A 150 9.68 7.46 -23.42
N TYR A 151 8.88 6.53 -22.92
CA TYR A 151 9.33 5.59 -21.91
C TYR A 151 10.22 4.49 -22.49
N ASN A 152 10.39 4.48 -23.82
CA ASN A 152 11.36 3.57 -24.42
C ASN A 152 12.79 4.08 -24.29
N ASP A 153 12.96 5.30 -23.80
CA ASP A 153 14.29 5.88 -23.57
C ASP A 153 14.50 5.97 -22.06
N ALA A 154 15.23 5.01 -21.51
CA ALA A 154 15.41 4.91 -20.06
C ALA A 154 16.11 6.13 -19.48
N THR A 155 16.91 6.83 -20.27
CA THR A 155 17.63 8.00 -19.77
C THR A 155 16.66 9.17 -19.51
N GLN A 156 15.81 9.50 -20.47
CA GLN A 156 14.92 10.62 -20.27
C GLN A 156 13.92 10.36 -19.14
N VAL A 157 13.57 9.09 -18.93
CA VAL A 157 12.65 8.75 -17.85
C VAL A 157 13.21 9.19 -16.49
N ARG A 158 14.54 9.14 -16.36
CA ARG A 158 15.22 9.52 -15.13
C ARG A 158 15.62 10.99 -15.08
N ASP A 159 15.96 11.60 -16.21
CA ASP A 159 16.59 12.92 -16.19
C ASP A 159 15.62 14.06 -16.54
N CYS A 160 14.43 13.73 -17.01
CA CYS A 160 13.47 14.72 -17.46
C CYS A 160 12.27 14.80 -16.51
N ARG A 161 11.42 15.80 -16.72
CA ARG A 161 10.36 16.10 -15.76
C ARG A 161 9.16 15.18 -15.96
N LEU A 162 8.80 14.45 -14.91
CA LEU A 162 7.60 13.64 -14.93
C LEU A 162 6.40 14.58 -14.94
N THR A 163 5.68 14.62 -16.07
CA THR A 163 4.55 15.51 -16.27
C THR A 163 4.83 16.90 -15.72
N GLY A 164 6.01 17.42 -16.01
CA GLY A 164 6.36 18.78 -15.67
C GLY A 164 6.89 19.02 -14.27
N LEU A 165 6.96 17.99 -13.43
CA LEU A 165 7.47 18.14 -12.07
C LEU A 165 8.97 18.39 -12.12
N LEU A 166 9.41 19.45 -11.46
CA LEU A 166 10.82 19.84 -11.48
C LEU A 166 11.69 18.71 -10.96
N ASP A 167 12.65 18.27 -11.76
CA ASP A 167 13.35 17.01 -11.54
C ASP A 167 14.69 17.28 -10.85
N LEU A 168 14.85 16.77 -9.64
CA LEU A 168 16.04 17.05 -8.84
C LEU A 168 17.28 16.36 -9.41
N ALA A 169 18.42 17.04 -9.31
CA ALA A 169 19.69 16.53 -9.80
C ALA A 169 20.32 15.58 -8.78
N LEU A 170 19.80 14.36 -8.76
CA LEU A 170 20.11 13.39 -7.71
C LEU A 170 21.52 12.82 -7.81
N GLU A 171 22.27 13.18 -8.86
CA GLU A 171 23.69 12.81 -8.90
C GLU A 171 24.53 13.68 -7.97
N LYS A 172 24.01 14.84 -7.59
CA LYS A 172 24.80 15.82 -6.86
C LYS A 172 24.84 15.48 -5.39
N ASP A 173 26.04 15.51 -4.79
CA ASP A 173 26.12 15.24 -3.38
C ASP A 173 25.30 16.23 -2.56
N TYR A 174 25.23 17.50 -2.97
CA TYR A 174 24.44 18.47 -2.20
C TYR A 174 22.97 18.02 -2.13
N VAL A 175 22.42 17.65 -3.28
CA VAL A 175 21.02 17.26 -3.34
C VAL A 175 20.79 15.95 -2.57
N ARG A 176 21.66 14.97 -2.78
CA ARG A 176 21.58 13.73 -2.01
C ARG A 176 21.62 14.01 -0.51
N SER A 177 22.44 14.97 -0.10
CA SER A 177 22.60 15.31 1.30
C SER A 177 21.39 16.02 1.87
N LYS A 178 20.70 16.86 1.09
CA LYS A 178 19.49 17.50 1.59
C LYS A 178 18.37 16.48 1.74
N ILE A 179 18.29 15.54 0.80
CA ILE A 179 17.31 14.47 0.92
C ILE A 179 17.62 13.59 2.14
N ALA A 180 18.88 13.23 2.32
CA ALA A 180 19.25 12.41 3.46
C ALA A 180 19.02 13.15 4.78
N GLU A 181 19.22 14.47 4.80
CA GLU A 181 18.95 15.25 5.98
C GLU A 181 17.48 15.12 6.39
N TYR A 182 16.59 15.25 5.40
CA TYR A 182 15.16 15.04 5.61
C TYR A 182 14.85 13.63 6.11
N MET A 183 15.38 12.63 5.41
CA MET A 183 15.08 11.25 5.75
C MET A 183 15.67 10.85 7.12
N ASN A 184 16.84 11.37 7.45
CA ASN A 184 17.44 11.09 8.75
C ASN A 184 16.73 11.80 9.89
N HIS A 185 16.17 12.98 9.62
CA HIS A 185 15.30 13.63 10.60
C HIS A 185 14.17 12.67 10.96
N LEU A 186 13.56 12.10 9.92
CA LEU A 186 12.46 11.16 10.11
C LEU A 186 12.88 9.86 10.80
N ILE A 187 14.00 9.28 10.38
CA ILE A 187 14.50 8.09 11.05
C ILE A 187 14.75 8.36 12.54
N ASP A 188 15.37 9.49 12.83
CA ASP A 188 15.72 9.78 14.22
C ASP A 188 14.46 10.07 15.08
N ILE A 189 13.38 10.53 14.45
CA ILE A 189 12.06 10.65 15.07
C ILE A 189 11.48 9.29 15.44
N GLY A 190 11.82 8.27 14.65
CA GLY A 190 11.36 6.91 14.90
C GLY A 190 10.69 6.20 13.76
N VAL A 191 10.72 6.75 12.54
CA VAL A 191 10.11 6.04 11.44
C VAL A 191 10.91 4.77 11.11
N ALA A 192 10.22 3.75 10.62
CA ALA A 192 10.81 2.44 10.39
C ALA A 192 11.24 2.20 8.95
N GLY A 193 10.85 3.08 8.03
CA GLY A 193 11.19 2.89 6.64
C GLY A 193 10.42 3.85 5.76
N PHE A 194 10.54 3.60 4.46
CA PHE A 194 10.08 4.53 3.45
C PHE A 194 9.56 3.84 2.22
N ARG A 195 8.48 4.41 1.68
CA ARG A 195 8.09 4.25 0.29
C ARG A 195 8.85 5.31 -0.49
N LEU A 196 9.65 4.91 -1.48
CA LEU A 196 10.35 5.88 -2.33
C LEU A 196 9.48 6.13 -3.55
N ASP A 197 8.78 7.27 -3.52
CA ASP A 197 7.89 7.67 -4.59
C ASP A 197 8.66 7.82 -5.89
N ALA A 198 8.04 7.46 -7.01
CA ALA A 198 8.58 7.76 -8.33
C ALA A 198 9.98 7.19 -8.52
N SER A 199 10.23 5.98 -7.99
CA SER A 199 11.55 5.39 -8.10
C SER A 199 11.95 5.06 -9.53
N LYS A 200 11.01 4.75 -10.41
CA LYS A 200 11.37 4.52 -11.80
C LYS A 200 12.06 5.74 -12.41
N HIS A 201 11.76 6.93 -11.86
CA HIS A 201 12.26 8.19 -12.34
C HIS A 201 13.58 8.60 -11.73
N MET A 202 14.17 7.70 -10.94
CA MET A 202 15.47 7.88 -10.32
C MET A 202 16.40 6.75 -10.75
N TRP A 203 17.67 7.07 -10.91
CA TRP A 203 18.65 6.05 -11.23
C TRP A 203 18.85 5.16 -10.01
N PRO A 204 18.91 3.83 -10.19
CA PRO A 204 19.20 2.94 -9.07
C PRO A 204 20.41 3.38 -8.24
N GLY A 205 21.47 3.83 -8.90
CA GLY A 205 22.68 4.23 -8.21
C GLY A 205 22.57 5.53 -7.43
N ASP A 206 21.71 6.45 -7.87
CA ASP A 206 21.47 7.66 -7.10
C ASP A 206 20.66 7.32 -5.84
N ILE A 207 19.64 6.46 -5.98
CA ILE A 207 18.93 5.97 -4.79
C ILE A 207 19.93 5.33 -3.84
N LYS A 208 20.80 4.46 -4.34
CA LYS A 208 21.74 3.79 -3.46
C LYS A 208 22.62 4.80 -2.71
N ALA A 209 23.08 5.83 -3.41
CA ALA A 209 23.93 6.84 -2.77
C ALA A 209 23.19 7.60 -1.66
N ILE A 210 21.91 7.83 -1.84
CA ILE A 210 21.10 8.46 -0.79
C ILE A 210 20.95 7.50 0.38
N LEU A 211 20.63 6.24 0.09
CA LEU A 211 20.44 5.24 1.14
C LEU A 211 21.71 5.02 1.96
N ASP A 212 22.86 5.17 1.31
CA ASP A 212 24.15 5.05 2.00
C ASP A 212 24.34 6.13 3.07
N LYS A 213 23.61 7.23 2.96
CA LYS A 213 23.69 8.31 3.93
C LYS A 213 22.70 8.13 5.10
N LEU A 214 21.84 7.12 5.06
CA LEU A 214 20.81 6.98 6.08
C LEU A 214 21.30 6.30 7.35
N HIS A 215 20.75 6.77 8.46
CA HIS A 215 20.97 6.16 9.75
C HIS A 215 20.32 4.80 9.88
N ASN A 216 20.81 4.05 10.86
CA ASN A 216 20.04 2.93 11.38
C ASN A 216 18.87 3.47 12.21
N LEU A 217 17.89 2.61 12.46
CA LEU A 217 16.67 3.02 13.14
C LEU A 217 16.91 3.43 14.58
N ASN A 218 16.00 4.24 15.12
CA ASN A 218 16.18 4.82 16.42
C ASN A 218 16.30 3.73 17.49
N SER A 219 17.44 3.75 18.20
CA SER A 219 17.80 2.66 19.08
C SER A 219 17.04 2.65 20.40
N ASN A 220 16.17 3.62 20.63
CA ASN A 220 15.24 3.55 21.75
C ASN A 220 14.13 2.53 21.50
N TRP A 221 13.81 2.27 20.24
CA TRP A 221 12.73 1.34 19.88
C TRP A 221 13.19 0.11 19.09
N PHE A 222 14.32 0.21 18.41
CA PHE A 222 14.74 -0.83 17.47
C PHE A 222 16.11 -1.39 17.87
N PRO A 223 16.34 -2.68 17.60
CA PRO A 223 17.66 -3.24 17.90
C PRO A 223 18.77 -2.50 17.15
N ALA A 224 19.96 -2.51 17.73
CA ALA A 224 21.10 -1.84 17.12
C ALA A 224 21.30 -2.35 15.70
N GLY A 225 21.61 -1.44 14.80
CA GLY A 225 21.98 -1.81 13.44
C GLY A 225 20.81 -2.17 12.54
N SER A 226 19.59 -1.77 12.92
CA SER A 226 18.40 -2.02 12.10
C SER A 226 18.37 -1.05 10.94
N LYS A 227 18.28 -1.54 9.71
CA LYS A 227 18.22 -0.67 8.55
C LYS A 227 16.77 -0.30 8.23
N PRO A 228 16.53 0.94 7.78
CA PRO A 228 15.18 1.29 7.35
C PRO A 228 14.68 0.36 6.25
N PHE A 229 13.42 -0.03 6.34
CA PHE A 229 12.73 -0.75 5.28
C PHE A 229 12.57 0.17 4.10
N ILE A 230 12.92 -0.30 2.91
CA ILE A 230 12.81 0.50 1.71
C ILE A 230 11.94 -0.26 0.71
N TYR A 231 10.87 0.36 0.26
CA TYR A 231 10.11 -0.15 -0.87
C TYR A 231 9.97 0.94 -1.90
N GLN A 232 10.46 0.65 -3.10
CA GLN A 232 10.57 1.58 -4.20
C GLN A 232 9.35 1.49 -5.11
N GLU A 233 8.68 2.60 -5.36
CA GLU A 233 7.57 2.61 -6.30
C GLU A 233 8.12 2.60 -7.71
N VAL A 234 8.12 1.44 -8.33
CA VAL A 234 8.53 1.25 -9.71
C VAL A 234 7.36 0.57 -10.39
N ILE A 235 6.73 1.26 -11.34
CA ILE A 235 5.65 0.67 -12.13
C ILE A 235 6.31 -0.02 -13.31
N ASP A 236 6.29 -1.34 -13.30
CA ASP A 236 6.89 -2.16 -14.35
C ASP A 236 5.90 -3.24 -14.72
N LEU A 237 5.17 -3.02 -15.79
CA LEU A 237 4.19 -3.98 -16.26
C LEU A 237 4.72 -4.74 -17.47
N GLY A 238 6.03 -4.66 -17.68
CA GLY A 238 6.65 -5.26 -18.85
C GLY A 238 6.62 -4.29 -20.03
N GLY A 239 7.30 -4.65 -21.11
CA GLY A 239 7.18 -3.90 -22.33
C GLY A 239 7.84 -2.54 -22.35
N GLU A 240 8.61 -2.22 -21.31
CA GLU A 240 9.43 -1.01 -21.27
C GLU A 240 10.86 -1.43 -20.94
N PRO A 241 11.85 -0.60 -21.30
CA PRO A 241 13.22 -0.99 -20.99
C PRO A 241 13.52 -1.04 -19.49
N ILE A 242 12.94 -0.18 -18.68
CA ILE A 242 13.24 -0.15 -17.25
C ILE A 242 12.57 -1.34 -16.58
N LYS A 243 13.37 -2.13 -15.88
CA LYS A 243 12.89 -3.29 -15.12
C LYS A 243 13.09 -3.03 -13.64
N SER A 244 12.12 -3.44 -12.84
CA SER A 244 12.24 -3.16 -11.41
C SER A 244 13.39 -3.93 -10.77
N SER A 245 13.87 -5.01 -11.41
CA SER A 245 15.01 -5.74 -10.88
C SER A 245 16.26 -4.86 -10.79
N ASP A 246 16.32 -3.79 -11.57
CA ASP A 246 17.49 -2.91 -11.47
C ASP A 246 17.57 -2.26 -10.09
N TYR A 247 16.48 -2.31 -9.32
CA TYR A 247 16.40 -1.63 -8.04
C TYR A 247 16.58 -2.58 -6.85
N PHE A 248 16.82 -3.88 -7.09
CA PHE A 248 16.84 -4.84 -6.00
C PHE A 248 17.98 -4.62 -5.02
N GLY A 249 19.08 -4.00 -5.43
CA GLY A 249 20.17 -3.72 -4.51
C GLY A 249 19.85 -2.65 -3.48
N ASN A 250 18.72 -1.95 -3.65
CA ASN A 250 18.34 -0.88 -2.76
C ASN A 250 17.30 -1.24 -1.73
N GLY A 251 16.45 -2.21 -2.05
CA GLY A 251 15.28 -2.47 -1.25
C GLY A 251 14.26 -3.28 -2.04
N ARG A 252 13.09 -3.44 -1.46
CA ARG A 252 11.98 -4.03 -2.18
C ARG A 252 11.44 -3.07 -3.24
N VAL A 253 10.58 -3.61 -4.09
CA VAL A 253 9.88 -2.84 -5.11
C VAL A 253 8.40 -3.17 -5.03
N THR A 254 7.58 -2.16 -5.34
CA THR A 254 6.16 -2.38 -5.57
C THR A 254 5.97 -3.29 -6.77
N GLU A 255 5.17 -4.35 -6.61
CA GLU A 255 4.87 -5.24 -7.73
C GLU A 255 3.47 -4.89 -8.26
N PHE A 256 3.42 -3.96 -9.20
CA PHE A 256 2.13 -3.55 -9.76
C PHE A 256 1.49 -4.63 -10.64
N LYS A 257 2.26 -5.61 -11.10
CA LYS A 257 1.63 -6.68 -11.85
C LYS A 257 0.68 -7.48 -10.97
N TYR A 258 0.95 -7.49 -9.66
CA TYR A 258 0.18 -8.29 -8.70
C TYR A 258 -1.30 -7.93 -8.73
N GLY A 259 -1.62 -6.67 -8.45
CA GLY A 259 -3.00 -6.25 -8.42
C GLY A 259 -3.62 -6.20 -9.81
N ALA A 260 -2.82 -5.88 -10.82
CA ALA A 260 -3.34 -5.86 -12.19
C ALA A 260 -3.83 -7.25 -12.59
N LYS A 261 -3.02 -8.27 -12.35
CA LYS A 261 -3.40 -9.63 -12.70
C LYS A 261 -4.43 -10.21 -11.77
N LEU A 262 -4.35 -9.91 -10.48
CA LEU A 262 -5.35 -10.44 -9.59
C LEU A 262 -6.73 -9.85 -9.95
N GLY A 263 -6.75 -8.59 -10.36
CA GLY A 263 -7.96 -7.97 -10.83
C GLY A 263 -8.51 -8.62 -12.09
N THR A 264 -7.66 -8.88 -13.08
CA THR A 264 -8.16 -9.53 -14.29
C THR A 264 -8.66 -10.95 -13.99
N VAL A 265 -7.98 -11.66 -13.09
CA VAL A 265 -8.40 -13.01 -12.75
C VAL A 265 -9.76 -12.99 -12.04
N ILE A 266 -9.89 -12.16 -11.01
CA ILE A 266 -11.12 -12.15 -10.23
C ILE A 266 -12.31 -11.58 -11.02
N ARG A 267 -12.04 -10.66 -11.94
CA ARG A 267 -13.06 -10.16 -12.84
C ARG A 267 -13.34 -11.12 -14.00
N LYS A 268 -12.50 -12.13 -14.15
CA LYS A 268 -12.63 -13.14 -15.19
C LYS A 268 -12.49 -12.54 -16.58
N TRP A 269 -11.61 -11.54 -16.70
CA TRP A 269 -11.36 -10.94 -18.00
C TRP A 269 -10.54 -11.87 -18.88
N ASN A 270 -10.85 -11.84 -20.17
CA ASN A 270 -10.08 -12.58 -21.17
C ASN A 270 -9.97 -14.05 -20.84
N GLY A 271 -11.01 -14.62 -20.24
CA GLY A 271 -11.04 -16.04 -19.97
C GLY A 271 -10.20 -16.46 -18.77
N GLU A 272 -9.66 -15.53 -18.01
CA GLU A 272 -8.87 -15.87 -16.82
C GLU A 272 -9.78 -16.41 -15.74
N LYS A 273 -9.20 -17.23 -14.88
CA LYS A 273 -9.92 -18.04 -13.92
C LYS A 273 -9.09 -18.23 -12.67
N MET A 274 -9.73 -18.36 -11.51
CA MET A 274 -8.97 -18.54 -10.27
C MET A 274 -8.18 -19.84 -10.25
N SER A 275 -8.61 -20.86 -11.00
CA SER A 275 -7.82 -22.10 -11.05
C SER A 275 -6.40 -21.85 -11.56
N TYR A 276 -6.19 -20.77 -12.32
CA TYR A 276 -4.88 -20.45 -12.84
C TYR A 276 -3.92 -19.96 -11.75
N LEU A 277 -4.45 -19.62 -10.57
CA LEU A 277 -3.64 -19.06 -9.50
C LEU A 277 -2.80 -20.08 -8.75
N LYS A 278 -2.85 -21.35 -9.14
CA LYS A 278 -2.08 -22.35 -8.43
C LYS A 278 -0.59 -21.99 -8.35
N ASN A 279 -0.06 -21.40 -9.41
CA ASN A 279 1.36 -21.02 -9.47
C ASN A 279 1.58 -19.52 -9.33
N TRP A 280 0.65 -18.84 -8.66
CA TRP A 280 0.78 -17.42 -8.35
C TRP A 280 2.13 -17.11 -7.73
N GLY A 281 2.74 -16.01 -8.17
CA GLY A 281 4.05 -15.60 -7.71
C GLY A 281 4.98 -15.41 -8.89
N GLU A 282 6.24 -15.82 -8.75
CA GLU A 282 7.20 -15.66 -9.83
C GLU A 282 6.76 -16.34 -11.14
N GLY A 283 5.96 -17.38 -11.02
CA GLY A 283 5.41 -18.07 -12.19
C GLY A 283 4.58 -17.17 -13.09
N TRP A 284 4.07 -16.08 -12.53
CA TRP A 284 3.29 -15.13 -13.31
C TRP A 284 4.14 -13.97 -13.83
N GLY A 285 5.47 -14.08 -13.68
CA GLY A 285 6.38 -13.06 -14.16
C GLY A 285 6.67 -12.01 -13.11
N PHE A 286 6.34 -12.27 -11.85
CA PHE A 286 6.54 -11.29 -10.81
C PHE A 286 7.97 -11.33 -10.27
N VAL A 287 8.34 -10.27 -9.54
CA VAL A 287 9.63 -10.21 -8.90
C VAL A 287 9.74 -11.30 -7.82
N PRO A 288 10.96 -11.61 -7.35
CA PRO A 288 11.06 -12.55 -6.22
C PRO A 288 10.24 -12.08 -5.03
N SER A 289 9.62 -13.02 -4.33
CA SER A 289 8.78 -12.72 -3.20
C SER A 289 9.47 -11.84 -2.17
N ASP A 290 10.75 -12.12 -1.91
CA ASP A 290 11.51 -11.37 -0.92
C ASP A 290 11.90 -9.96 -1.37
N ARG A 291 11.50 -9.57 -2.58
CA ARG A 291 11.67 -8.20 -3.03
C ARG A 291 10.35 -7.52 -3.35
N ALA A 292 9.22 -8.17 -3.03
CA ALA A 292 7.92 -7.65 -3.42
C ALA A 292 7.19 -6.97 -2.27
N LEU A 293 6.64 -5.80 -2.58
CA LEU A 293 5.60 -5.15 -1.79
C LEU A 293 4.34 -5.27 -2.63
N VAL A 294 3.35 -6.00 -2.11
CA VAL A 294 2.15 -6.33 -2.86
C VAL A 294 0.94 -5.67 -2.26
N PHE A 295 -0.10 -5.55 -3.08
CA PHE A 295 -1.31 -4.81 -2.77
C PHE A 295 -2.29 -5.07 -3.91
N VAL A 296 -3.58 -4.98 -3.58
CA VAL A 296 -4.63 -5.10 -4.58
C VAL A 296 -4.78 -3.79 -5.37
N ASP A 297 -4.89 -2.68 -4.64
CA ASP A 297 -4.97 -1.34 -5.19
C ASP A 297 -4.05 -0.44 -4.37
N ASN A 298 -3.68 0.68 -4.96
CA ASN A 298 -3.02 1.76 -4.24
C ASN A 298 -3.77 3.05 -4.45
N HIS A 299 -3.25 4.11 -3.85
CA HIS A 299 -3.98 5.36 -3.84
C HIS A 299 -4.16 5.97 -5.24
N ASP A 300 -3.16 5.75 -6.12
N ASP A 300 -3.22 5.71 -6.14
CA ASP A 300 -3.21 6.20 -7.51
CA ASP A 300 -3.33 6.26 -7.48
C ASP A 300 -4.20 5.37 -8.29
C ASP A 300 -4.17 5.38 -8.39
N ASN A 301 -3.93 4.08 -8.38
CA ASN A 301 -4.63 3.22 -9.31
C ASN A 301 -6.05 2.85 -8.88
N GLN A 302 -6.45 3.14 -7.65
CA GLN A 302 -7.84 2.93 -7.29
C GLN A 302 -8.75 3.97 -7.97
N ARG A 303 -8.15 4.99 -8.56
CA ARG A 303 -8.89 5.97 -9.33
C ARG A 303 -8.99 5.60 -10.82
N GLY A 304 -8.36 4.51 -11.24
CA GLY A 304 -8.66 3.88 -12.51
C GLY A 304 -7.72 4.24 -13.65
N HIS A 305 -6.83 5.21 -13.42
CA HIS A 305 -5.91 5.68 -14.45
C HIS A 305 -4.46 5.34 -14.13
N GLY A 306 -4.25 4.41 -13.21
CA GLY A 306 -2.92 4.06 -12.77
C GLY A 306 -2.44 2.79 -13.43
N ALA A 307 -1.40 2.21 -12.86
CA ALA A 307 -0.85 0.96 -13.34
C ALA A 307 -1.87 -0.16 -13.13
N GLY A 308 -2.38 -0.70 -14.22
CA GLY A 308 -3.41 -1.73 -14.20
C GLY A 308 -4.71 -1.25 -14.79
N GLY A 309 -4.85 0.07 -14.90
CA GLY A 309 -6.05 0.67 -15.44
C GLY A 309 -7.31 0.09 -14.84
N ALA A 310 -8.19 -0.34 -15.71
CA ALA A 310 -9.54 -0.66 -15.32
C ALA A 310 -9.65 -1.99 -14.59
N SER A 311 -8.62 -2.84 -14.60
CA SER A 311 -8.77 -4.14 -13.93
C SER A 311 -8.70 -4.02 -12.41
N ILE A 312 -8.15 -2.93 -11.91
CA ILE A 312 -7.88 -2.81 -10.49
C ILE A 312 -9.18 -2.86 -9.69
N LEU A 313 -9.20 -3.73 -8.68
CA LEU A 313 -10.31 -3.83 -7.74
C LEU A 313 -10.13 -2.86 -6.60
N THR A 314 -11.24 -2.27 -6.17
CA THR A 314 -11.23 -1.25 -5.11
C THR A 314 -12.41 -1.47 -4.18
N PHE A 315 -12.48 -0.66 -3.13
CA PHE A 315 -13.60 -0.72 -2.21
C PHE A 315 -14.94 -0.52 -2.90
N TRP A 316 -14.97 0.16 -4.05
CA TRP A 316 -16.21 0.36 -4.79
C TRP A 316 -16.77 -0.97 -5.28
N ASP A 317 -15.89 -1.94 -5.49
CA ASP A 317 -16.22 -3.30 -5.89
C ASP A 317 -16.16 -4.21 -4.68
N ALA A 318 -16.86 -3.85 -3.60
CA ALA A 318 -16.57 -4.43 -2.29
C ALA A 318 -16.52 -5.96 -2.23
N ARG A 319 -17.49 -6.63 -2.83
CA ARG A 319 -17.57 -8.09 -2.72
C ARG A 319 -16.35 -8.76 -3.36
N LEU A 320 -16.04 -8.41 -4.60
CA LEU A 320 -14.86 -8.96 -5.26
C LEU A 320 -13.57 -8.48 -4.60
N TYR A 321 -13.57 -7.23 -4.13
CA TYR A 321 -12.41 -6.67 -3.47
C TYR A 321 -12.02 -7.45 -2.22
N LYS A 322 -13.00 -7.78 -1.37
CA LYS A 322 -12.72 -8.55 -0.18
C LYS A 322 -12.11 -9.90 -0.53
N MET A 323 -12.61 -10.53 -1.60
CA MET A 323 -12.07 -11.79 -2.07
C MET A 323 -10.62 -11.65 -2.52
N ALA A 324 -10.33 -10.61 -3.30
CA ALA A 324 -8.98 -10.37 -3.76
C ALA A 324 -8.01 -10.12 -2.61
N VAL A 325 -8.43 -9.25 -1.70
CA VAL A 325 -7.62 -8.95 -0.52
C VAL A 325 -7.40 -10.22 0.29
N GLY A 326 -8.43 -11.05 0.41
CA GLY A 326 -8.33 -12.29 1.14
C GLY A 326 -7.33 -13.26 0.53
N PHE A 327 -7.41 -13.41 -0.79
CA PHE A 327 -6.45 -14.24 -1.48
C PHE A 327 -5.02 -13.74 -1.24
N MET A 328 -4.82 -12.43 -1.40
CA MET A 328 -3.51 -11.85 -1.18
C MET A 328 -3.00 -12.13 0.23
N LEU A 329 -3.84 -11.88 1.24
CA LEU A 329 -3.41 -12.03 2.63
C LEU A 329 -3.20 -13.48 3.03
N ALA A 330 -3.84 -14.42 2.34
CA ALA A 330 -3.61 -15.83 2.62
C ALA A 330 -2.38 -16.39 1.92
N HIS A 331 -2.03 -15.83 0.77
CA HIS A 331 -0.98 -16.40 -0.07
C HIS A 331 0.40 -15.93 0.40
N PRO A 332 1.42 -16.81 0.44
CA PRO A 332 2.70 -16.39 1.03
C PRO A 332 3.51 -15.38 0.23
N TYR A 333 3.19 -15.15 -1.04
CA TYR A 333 4.02 -14.25 -1.85
C TYR A 333 3.96 -12.81 -1.34
N GLY A 334 5.13 -12.22 -1.16
CA GLY A 334 5.27 -10.80 -0.93
C GLY A 334 5.02 -10.33 0.49
N PHE A 335 5.34 -9.06 0.71
CA PHE A 335 4.97 -8.36 1.93
C PHE A 335 3.74 -7.50 1.62
N THR A 336 2.67 -7.69 2.39
CA THR A 336 1.37 -7.16 2.04
C THR A 336 1.05 -5.77 2.62
N ARG A 337 0.50 -4.93 1.76
CA ARG A 337 -0.03 -3.63 2.13
C ARG A 337 -1.53 -3.59 1.81
N VAL A 338 -2.30 -3.24 2.83
CA VAL A 338 -3.75 -3.05 2.74
C VAL A 338 -4.03 -1.56 2.56
N MET A 339 -4.93 -1.25 1.65
CA MET A 339 -5.33 0.11 1.38
C MET A 339 -6.44 0.53 2.35
N SER A 340 -6.43 1.80 2.74
CA SER A 340 -7.52 2.37 3.53
C SER A 340 -7.81 3.73 2.90
N SER A 341 -9.05 3.90 2.45
CA SER A 341 -9.41 4.96 1.53
C SER A 341 -10.43 5.93 2.11
N TYR A 342 -10.69 6.99 1.33
CA TYR A 342 -11.85 7.82 1.55
C TYR A 342 -12.77 7.77 0.35
N ARG A 343 -14.03 8.02 0.61
CA ARG A 343 -15.04 8.08 -0.44
C ARG A 343 -15.00 9.45 -1.11
N TRP A 344 -15.23 9.48 -2.41
CA TRP A 344 -15.33 10.72 -3.15
C TRP A 344 -16.45 10.54 -4.16
N PRO A 345 -16.98 11.64 -4.72
CA PRO A 345 -18.10 11.55 -5.66
C PRO A 345 -17.61 11.15 -7.04
N ARG A 346 -17.30 9.86 -7.20
CA ARG A 346 -16.80 9.31 -8.44
C ARG A 346 -17.87 9.48 -9.51
N GLN A 347 -17.50 10.07 -10.65
CA GLN A 347 -18.45 10.43 -11.71
C GLN A 347 -17.83 10.15 -13.06
N PHE A 348 -18.22 9.03 -13.65
CA PHE A 348 -17.65 8.61 -14.92
C PHE A 348 -18.32 9.32 -16.10
N GLN A 349 -17.48 9.88 -16.97
CA GLN A 349 -17.91 10.43 -18.24
C GLN A 349 -16.99 9.83 -19.28
N ASN A 350 -17.56 9.19 -20.28
CA ASN A 350 -16.77 8.56 -21.33
C ASN A 350 -15.72 7.59 -20.78
N GLY A 351 -16.07 6.92 -19.69
CA GLY A 351 -15.24 5.84 -19.14
C GLY A 351 -14.13 6.28 -18.20
N ASN A 352 -14.13 7.55 -17.83
CA ASN A 352 -13.13 8.10 -16.91
C ASN A 352 -13.77 8.97 -15.84
N ASP A 353 -13.24 8.90 -14.62
CA ASP A 353 -13.82 9.62 -13.50
C ASP A 353 -13.35 11.08 -13.45
N VAL A 354 -14.26 12.00 -13.72
CA VAL A 354 -13.89 13.43 -13.75
C VAL A 354 -13.59 14.01 -12.36
N ASN A 355 -13.96 13.27 -11.32
CA ASN A 355 -13.69 13.70 -9.94
C ASN A 355 -12.55 12.92 -9.28
N ASP A 356 -11.68 12.34 -10.10
CA ASP A 356 -10.57 11.55 -9.56
C ASP A 356 -9.52 12.39 -8.83
N TRP A 357 -9.62 13.71 -8.92
CA TRP A 357 -8.71 14.62 -8.24
C TRP A 357 -9.13 14.92 -6.81
N VAL A 358 -10.38 14.66 -6.46
CA VAL A 358 -10.93 15.12 -5.20
C VAL A 358 -10.07 14.63 -4.03
N GLY A 359 -9.75 15.57 -3.14
CA GLY A 359 -8.95 15.29 -1.97
C GLY A 359 -9.76 14.68 -0.86
N PRO A 360 -9.12 14.48 0.29
CA PRO A 360 -9.76 13.84 1.42
C PRO A 360 -10.96 14.64 1.95
N PRO A 361 -11.86 13.98 2.67
CA PRO A 361 -13.00 14.67 3.28
C PRO A 361 -12.53 15.89 4.04
N ASN A 362 -13.21 17.01 3.85
CA ASN A 362 -12.72 18.26 4.39
C ASN A 362 -13.81 19.27 4.60
N ASN A 363 -13.55 20.20 5.52
CA ASN A 363 -14.37 21.37 5.71
C ASN A 363 -13.52 22.57 5.36
N ASN A 364 -13.85 23.24 4.26
CA ASN A 364 -13.08 24.38 3.78
C ASN A 364 -11.58 24.08 3.67
N GLY A 365 -11.26 22.87 3.25
CA GLY A 365 -9.87 22.49 3.05
C GLY A 365 -9.20 21.85 4.25
N VAL A 366 -9.85 21.87 5.41
CA VAL A 366 -9.30 21.25 6.61
C VAL A 366 -9.76 19.80 6.66
N ILE A 367 -8.82 18.86 6.66
CA ILE A 367 -9.17 17.45 6.61
C ILE A 367 -10.01 17.08 7.83
N LYS A 368 -11.07 16.31 7.59
CA LYS A 368 -11.97 15.87 8.64
C LYS A 368 -11.35 14.79 9.50
N GLU A 369 -11.70 14.81 10.78
CA GLU A 369 -11.29 13.72 11.66
C GLU A 369 -11.94 12.39 11.24
N VAL A 370 -11.30 11.30 11.63
CA VAL A 370 -11.88 9.98 11.47
C VAL A 370 -12.74 9.71 12.70
N THR A 371 -14.03 9.49 12.47
CA THR A 371 -14.93 9.13 13.54
C THR A 371 -15.17 7.63 13.49
N ILE A 372 -15.35 7.03 14.66
CA ILE A 372 -15.57 5.59 14.77
C ILE A 372 -16.99 5.34 15.20
N ASN A 373 -17.72 4.59 14.39
CA ASN A 373 -19.09 4.24 14.66
C ASN A 373 -19.18 3.10 15.67
N PRO A 374 -20.34 2.94 16.32
CA PRO A 374 -20.47 1.84 17.28
C PRO A 374 -20.17 0.45 16.68
N ASP A 375 -20.46 0.24 15.40
CA ASP A 375 -20.21 -1.06 14.77
C ASP A 375 -18.75 -1.23 14.31
N THR A 376 -17.92 -0.25 14.65
CA THR A 376 -16.47 -0.21 14.37
C THR A 376 -16.09 0.22 12.94
N THR A 377 -17.08 0.58 12.14
CA THR A 377 -16.80 1.24 10.86
C THR A 377 -16.48 2.70 11.14
N CYS A 378 -16.13 3.44 10.08
CA CYS A 378 -15.77 4.84 10.22
C CYS A 378 -16.83 5.76 9.62
N GLY A 379 -16.93 6.96 10.17
CA GLY A 379 -17.75 8.00 9.58
C GLY A 379 -16.92 9.03 8.81
N ASN A 380 -17.56 10.15 8.51
CA ASN A 380 -16.93 11.28 7.81
C ASN A 380 -16.33 10.90 6.46
N ASP A 381 -16.94 9.90 5.82
CA ASP A 381 -16.56 9.48 4.46
C ASP A 381 -15.21 8.76 4.37
N TRP A 382 -14.67 8.36 5.51
CA TRP A 382 -13.53 7.46 5.52
C TRP A 382 -14.04 6.04 5.35
N VAL A 383 -13.49 5.30 4.40
CA VAL A 383 -13.99 3.97 4.08
C VAL A 383 -13.51 2.95 5.13
N CYS A 384 -12.26 3.09 5.57
CA CYS A 384 -11.73 2.20 6.59
C CYS A 384 -11.81 0.72 6.23
N GLU A 385 -11.35 0.36 5.04
CA GLU A 385 -11.34 -1.03 4.62
C GLU A 385 -10.63 -1.93 5.63
N HIS A 386 -9.62 -1.38 6.29
CA HIS A 386 -8.83 -2.16 7.23
C HIS A 386 -9.63 -2.55 8.48
N ARG A 387 -10.78 -1.92 8.68
CA ARG A 387 -11.71 -2.27 9.74
C ARG A 387 -12.83 -3.20 9.26
N TRP A 388 -12.96 -3.45 7.96
CA TRP A 388 -13.96 -4.42 7.53
C TRP A 388 -13.62 -5.78 8.12
N ARG A 389 -14.58 -6.49 8.69
CA ARG A 389 -14.31 -7.75 9.35
C ARG A 389 -13.51 -8.69 8.46
N GLN A 390 -13.92 -8.78 7.21
CA GLN A 390 -13.37 -9.74 6.28
C GLN A 390 -11.91 -9.44 5.94
N ILE A 391 -11.51 -8.18 6.05
CA ILE A 391 -10.14 -7.77 5.79
C ILE A 391 -9.30 -7.82 7.06
N ARG A 392 -9.77 -7.21 8.15
CA ARG A 392 -9.07 -7.28 9.42
C ARG A 392 -8.81 -8.73 9.82
N ASN A 393 -9.79 -9.62 9.64
CA ASN A 393 -9.58 -11.00 10.06
C ASN A 393 -8.58 -11.72 9.17
N MET A 394 -8.43 -11.29 7.92
CA MET A 394 -7.41 -11.85 7.05
C MET A 394 -6.01 -11.28 7.33
N VAL A 395 -5.93 -10.04 7.82
CA VAL A 395 -4.66 -9.51 8.34
C VAL A 395 -4.20 -10.42 9.49
N ILE A 396 -5.12 -10.80 10.36
CA ILE A 396 -4.82 -11.70 11.46
C ILE A 396 -4.45 -13.11 10.95
N PHE A 397 -5.20 -13.63 9.98
CA PHE A 397 -4.88 -14.90 9.34
C PHE A 397 -3.42 -14.92 8.91
N ARG A 398 -2.98 -13.85 8.25
CA ARG A 398 -1.61 -13.81 7.73
C ARG A 398 -0.59 -13.91 8.85
N ASN A 399 -0.86 -13.23 9.96
CA ASN A 399 0.00 -13.34 11.13
C ASN A 399 0.05 -14.77 11.65
N VAL A 400 -1.12 -15.40 11.78
CA VAL A 400 -1.22 -16.73 12.36
C VAL A 400 -0.46 -17.77 11.55
N VAL A 401 -0.49 -17.63 10.22
CA VAL A 401 0.12 -18.63 9.34
C VAL A 401 1.53 -18.29 8.89
N ASP A 402 2.08 -17.22 9.45
CA ASP A 402 3.39 -16.69 9.05
C ASP A 402 4.44 -17.80 9.00
N GLY A 403 5.14 -17.91 7.88
CA GLY A 403 6.19 -18.91 7.72
C GLY A 403 5.74 -20.27 7.21
N GLN A 404 4.44 -20.53 7.17
CA GLN A 404 3.94 -21.84 6.78
C GLN A 404 3.90 -21.95 5.27
N PRO A 405 4.12 -23.16 4.74
CA PRO A 405 4.16 -23.34 3.28
C PRO A 405 2.79 -23.34 2.63
N PHE A 406 2.75 -22.94 1.38
CA PHE A 406 1.59 -23.09 0.51
C PHE A 406 1.40 -24.58 0.21
N THR A 407 0.23 -25.12 0.52
CA THR A 407 0.03 -26.55 0.40
C THR A 407 -1.46 -26.86 0.21
N ASN A 408 -1.77 -28.12 -0.09
CA ASN A 408 -3.16 -28.57 -0.19
C ASN A 408 -4.01 -27.73 -1.16
N TRP A 409 -3.42 -27.34 -2.28
CA TRP A 409 -4.17 -26.66 -3.32
C TRP A 409 -5.23 -27.57 -3.92
N TYR A 410 -6.42 -27.01 -4.12
CA TYR A 410 -7.51 -27.63 -4.84
C TYR A 410 -8.07 -26.65 -5.86
N ASP A 411 -8.48 -27.15 -7.02
CA ASP A 411 -9.34 -26.35 -7.90
C ASP A 411 -10.28 -27.25 -8.70
N ASN A 412 -11.37 -26.65 -9.18
CA ASN A 412 -12.35 -27.34 -9.99
C ASN A 412 -12.16 -27.09 -11.49
N GLY A 413 -11.01 -26.58 -11.89
CA GLY A 413 -10.74 -26.25 -13.28
C GLY A 413 -11.46 -25.00 -13.74
N SER A 414 -12.08 -24.29 -12.81
CA SER A 414 -12.79 -23.06 -13.15
C SER A 414 -12.44 -22.00 -12.10
N ASN A 415 -13.38 -21.63 -11.22
CA ASN A 415 -13.15 -20.57 -10.24
C ASN A 415 -13.44 -20.98 -8.80
N GLN A 416 -13.43 -22.28 -8.52
CA GLN A 416 -13.54 -22.77 -7.15
C GLN A 416 -12.20 -23.33 -6.77
N VAL A 417 -11.54 -22.69 -5.81
CA VAL A 417 -10.18 -23.04 -5.43
C VAL A 417 -10.04 -22.99 -3.92
N ALA A 418 -9.00 -23.65 -3.44
CA ALA A 418 -8.71 -23.65 -2.00
C ALA A 418 -7.23 -23.93 -1.81
N PHE A 419 -6.68 -23.48 -0.68
CA PHE A 419 -5.35 -23.88 -0.32
C PHE A 419 -5.12 -23.68 1.16
N GLY A 420 -4.08 -24.34 1.67
CA GLY A 420 -3.67 -24.19 3.04
C GLY A 420 -2.32 -23.55 3.19
N ARG A 421 -2.06 -23.18 4.44
CA ARG A 421 -0.77 -22.68 4.87
C ARG A 421 -0.31 -23.62 5.98
N GLY A 422 0.49 -24.60 5.58
CA GLY A 422 0.92 -25.66 6.48
C GLY A 422 -0.23 -26.25 7.27
N ASN A 423 -0.04 -26.36 8.57
CA ASN A 423 -1.06 -26.87 9.45
C ASN A 423 -1.74 -25.76 10.26
N ARG A 424 -1.65 -24.50 9.78
CA ARG A 424 -2.12 -23.36 10.55
C ARG A 424 -3.31 -22.60 9.93
N GLY A 425 -3.58 -22.76 8.64
CA GLY A 425 -4.72 -22.08 8.06
C GLY A 425 -5.17 -22.71 6.76
N PHE A 426 -6.41 -22.43 6.38
CA PHE A 426 -6.97 -22.96 5.15
C PHE A 426 -8.03 -21.98 4.65
N ILE A 427 -8.10 -21.81 3.34
CA ILE A 427 -9.00 -20.83 2.74
C ILE A 427 -9.60 -21.41 1.46
N VAL A 428 -10.87 -21.08 1.23
CA VAL A 428 -11.68 -21.65 0.16
C VAL A 428 -12.45 -20.54 -0.54
N PHE A 429 -12.39 -20.52 -1.86
CA PHE A 429 -13.01 -19.47 -2.67
C PHE A 429 -13.97 -20.05 -3.70
N ASN A 430 -15.09 -19.36 -3.89
CA ASN A 430 -16.01 -19.69 -4.97
C ASN A 430 -16.30 -18.45 -5.80
N ASN A 431 -15.65 -18.33 -6.95
CA ASN A 431 -15.96 -17.25 -7.88
C ASN A 431 -16.60 -17.75 -9.17
N ASP A 432 -17.25 -18.92 -9.11
CA ASP A 432 -18.05 -19.43 -10.21
C ASP A 432 -19.53 -19.04 -10.03
N ASP A 433 -20.28 -19.14 -11.11
CA ASP A 433 -21.70 -18.81 -11.09
C ASP A 433 -22.57 -20.01 -10.67
N TRP A 434 -22.06 -20.83 -9.77
CA TRP A 434 -22.81 -21.92 -9.16
C TRP A 434 -22.17 -22.24 -7.79
N SER A 435 -22.86 -23.06 -7.01
N SER A 435 -22.80 -23.13 -7.02
CA SER A 435 -22.46 -23.31 -5.65
CA SER A 435 -22.34 -23.43 -5.66
C SER A 435 -21.28 -24.25 -5.56
C SER A 435 -21.10 -24.34 -5.59
N PHE A 436 -20.49 -24.05 -4.52
N PHE A 436 -20.41 -24.25 -4.45
CA PHE A 436 -19.45 -24.98 -4.15
CA PHE A 436 -19.16 -24.97 -4.17
C PHE A 436 -19.95 -25.77 -2.95
C PHE A 436 -19.40 -25.77 -2.88
N SER A 437 -19.74 -27.07 -3.00
CA SER A 437 -20.06 -27.90 -1.83
C SER A 437 -19.22 -29.17 -1.95
N LEU A 438 -18.17 -29.26 -1.15
CA LEU A 438 -17.20 -30.33 -1.31
C LEU A 438 -16.41 -30.54 -0.03
N THR A 439 -16.02 -31.78 0.21
CA THR A 439 -15.09 -32.09 1.29
C THR A 439 -13.66 -31.98 0.77
N LEU A 440 -12.84 -31.21 1.49
CA LEU A 440 -11.47 -30.90 1.11
C LEU A 440 -10.51 -31.27 2.20
N GLN A 441 -9.31 -31.69 1.81
CA GLN A 441 -8.20 -31.86 2.75
C GLN A 441 -7.67 -30.47 3.16
N THR A 442 -7.71 -30.18 4.46
CA THR A 442 -7.36 -28.86 4.99
C THR A 442 -5.97 -28.75 5.58
N GLY A 443 -5.35 -29.89 5.91
CA GLY A 443 -4.06 -29.89 6.59
C GLY A 443 -4.10 -29.48 8.06
N LEU A 444 -5.28 -29.21 8.59
CA LEU A 444 -5.41 -28.70 9.96
C LEU A 444 -5.72 -29.82 10.94
N PRO A 445 -5.36 -29.62 12.23
CA PRO A 445 -5.78 -30.52 13.29
C PRO A 445 -7.30 -30.62 13.40
N ALA A 446 -7.80 -31.78 13.80
CA ALA A 446 -9.23 -31.99 13.96
C ALA A 446 -9.80 -30.99 14.95
N GLY A 447 -11.03 -30.57 14.70
CA GLY A 447 -11.72 -29.68 15.60
C GLY A 447 -12.77 -28.85 14.90
N THR A 448 -13.35 -27.91 15.66
CA THR A 448 -14.33 -26.98 15.12
C THR A 448 -13.67 -25.63 14.99
N TYR A 449 -13.78 -25.04 13.81
CA TYR A 449 -13.15 -23.77 13.49
C TYR A 449 -14.18 -22.73 13.08
N CYS A 450 -14.02 -21.51 13.57
CA CYS A 450 -14.84 -20.41 13.10
C CYS A 450 -14.31 -19.89 11.78
N ASP A 451 -15.22 -19.74 10.82
CA ASP A 451 -14.94 -18.97 9.62
C ASP A 451 -14.80 -17.51 10.00
N VAL A 452 -13.64 -16.95 9.70
CA VAL A 452 -13.36 -15.56 10.08
C VAL A 452 -13.79 -14.55 9.02
N ILE A 453 -14.40 -15.03 7.94
CA ILE A 453 -14.95 -14.14 6.92
C ILE A 453 -16.40 -13.79 7.28
N SER A 454 -17.23 -14.80 7.50
CA SER A 454 -18.63 -14.56 7.86
C SER A 454 -18.79 -14.18 9.33
N GLY A 455 -17.76 -14.36 10.15
CA GLY A 455 -17.90 -14.12 11.57
C GLY A 455 -16.59 -14.02 12.31
N ASP A 456 -16.67 -14.26 13.62
CA ASP A 456 -15.55 -14.13 14.53
C ASP A 456 -15.63 -15.22 15.56
N LYS A 457 -14.50 -15.56 16.16
CA LYS A 457 -14.47 -16.35 17.37
C LYS A 457 -14.57 -15.37 18.54
N ILE A 458 -15.65 -15.48 19.30
CA ILE A 458 -15.90 -14.58 20.41
C ILE A 458 -16.44 -15.40 21.57
N ASN A 459 -15.78 -15.30 22.71
CA ASN A 459 -16.21 -15.99 23.93
C ASN A 459 -16.44 -17.48 23.71
N GLY A 460 -15.47 -18.14 23.08
CA GLY A 460 -15.51 -19.58 22.90
C GLY A 460 -16.59 -20.09 21.94
N ASN A 461 -17.12 -19.19 21.12
CA ASN A 461 -18.11 -19.55 20.11
C ASN A 461 -17.83 -18.84 18.80
N CYS A 462 -18.47 -19.30 17.73
CA CYS A 462 -18.37 -18.66 16.43
C CYS A 462 -19.64 -17.86 16.15
N THR A 463 -19.50 -16.65 15.61
CA THR A 463 -20.68 -15.84 15.27
C THR A 463 -21.17 -16.07 13.85
N GLY A 464 -20.37 -16.75 13.02
CA GLY A 464 -20.77 -17.08 11.66
C GLY A 464 -20.66 -18.56 11.39
N ILE A 465 -20.22 -18.89 10.18
CA ILE A 465 -20.06 -20.27 9.76
C ILE A 465 -19.06 -21.01 10.64
N LYS A 466 -19.36 -22.28 10.91
CA LYS A 466 -18.47 -23.19 11.62
C LYS A 466 -18.06 -24.31 10.67
N ILE A 467 -16.78 -24.67 10.70
CA ILE A 467 -16.24 -25.73 9.87
C ILE A 467 -15.72 -26.84 10.79
N TYR A 468 -16.04 -28.08 10.44
CA TYR A 468 -15.70 -29.22 11.27
C TYR A 468 -14.65 -30.06 10.56
N VAL A 469 -13.44 -30.09 11.13
CA VAL A 469 -12.32 -30.82 10.55
C VAL A 469 -12.21 -32.17 11.27
N SER A 470 -12.17 -33.25 10.48
CA SER A 470 -12.10 -34.60 11.02
C SER A 470 -10.66 -35.02 11.29
N ASP A 471 -10.51 -36.21 11.86
CA ASP A 471 -9.20 -36.74 12.20
C ASP A 471 -8.29 -36.89 10.99
N ASP A 472 -8.88 -37.02 9.81
CA ASP A 472 -8.10 -37.14 8.57
C ASP A 472 -7.70 -35.79 7.96
N GLY A 473 -8.07 -34.69 8.62
CA GLY A 473 -7.80 -33.35 8.12
C GLY A 473 -8.82 -32.83 7.14
N LYS A 474 -9.83 -33.63 6.82
CA LYS A 474 -10.83 -33.23 5.85
C LYS A 474 -11.97 -32.45 6.49
N ALA A 475 -12.55 -31.53 5.73
CA ALA A 475 -13.71 -30.78 6.18
C ALA A 475 -14.61 -30.46 5.00
N HIS A 476 -15.91 -30.42 5.26
CA HIS A 476 -16.87 -30.02 4.25
C HIS A 476 -17.06 -28.50 4.20
N PHE A 477 -16.99 -27.96 3.00
CA PHE A 477 -17.21 -26.54 2.75
C PHE A 477 -18.36 -26.35 1.79
N SER A 478 -19.25 -25.43 2.12
N SER A 478 -19.29 -25.47 2.14
CA SER A 478 -20.36 -25.09 1.27
CA SER A 478 -20.41 -25.11 1.27
C SER A 478 -20.44 -23.58 1.09
C SER A 478 -20.45 -23.59 1.09
N ILE A 479 -20.33 -23.13 -0.15
CA ILE A 479 -20.36 -21.70 -0.45
C ILE A 479 -21.23 -21.48 -1.69
N SER A 480 -22.39 -20.86 -1.48
CA SER A 480 -23.24 -20.47 -2.59
C SER A 480 -22.60 -19.31 -3.38
N ASN A 481 -22.82 -19.28 -4.68
CA ASN A 481 -22.42 -18.11 -5.44
C ASN A 481 -23.23 -16.87 -5.06
N SER A 482 -24.28 -17.06 -4.27
CA SER A 482 -25.08 -15.93 -3.76
C SER A 482 -24.65 -15.46 -2.37
N ALA A 483 -23.63 -16.08 -1.80
CA ALA A 483 -23.20 -15.72 -0.45
C ALA A 483 -22.72 -14.27 -0.43
N GLU A 484 -22.94 -13.59 0.70
CA GLU A 484 -22.44 -12.24 0.90
C GLU A 484 -20.95 -12.17 0.57
N ASP A 485 -20.19 -13.10 1.16
CA ASP A 485 -18.78 -13.26 0.85
C ASP A 485 -18.56 -14.70 0.41
N PRO A 486 -18.20 -14.91 -0.87
CA PRO A 486 -18.11 -16.30 -1.34
C PRO A 486 -16.73 -16.91 -1.09
N PHE A 487 -16.24 -16.73 0.13
CA PHE A 487 -15.02 -17.40 0.56
C PHE A 487 -15.06 -17.61 2.07
N ILE A 488 -14.36 -18.64 2.51
CA ILE A 488 -14.30 -19.08 3.91
C ILE A 488 -12.82 -19.22 4.29
N ALA A 489 -12.47 -18.77 5.49
CA ALA A 489 -11.09 -18.87 5.96
C ALA A 489 -11.12 -19.31 7.42
N ILE A 490 -10.27 -20.28 7.75
CA ILE A 490 -10.16 -20.81 9.10
C ILE A 490 -8.69 -20.93 9.46
N HIS A 491 -8.35 -20.79 10.73
CA HIS A 491 -6.96 -20.87 11.13
C HIS A 491 -6.83 -21.32 12.58
N ALA A 492 -5.60 -21.55 13.00
CA ALA A 492 -5.32 -22.13 14.31
C ALA A 492 -5.92 -21.32 15.46
N GLU A 493 -5.98 -20.01 15.32
CA GLU A 493 -6.52 -19.18 16.37
C GLU A 493 -8.02 -18.93 16.25
N SER A 494 -8.66 -19.54 15.25
CA SER A 494 -10.13 -19.51 15.15
C SER A 494 -10.73 -20.86 15.56
N LYS A 495 -9.88 -21.79 16.00
CA LYS A 495 -10.34 -23.09 16.51
C LYS A 495 -10.98 -22.93 17.88
N LEU A 496 -12.11 -23.60 18.11
CA LEU A 496 -12.76 -23.57 19.40
C LEU A 496 -12.09 -24.55 20.35
CL CL B . 2.73 2.45 -4.18
CA CA C . 14.30 12.08 -12.07
#